data_5YRY
#
_entry.id   5YRY
#
_cell.length_a   58.200
_cell.length_b   58.200
_cell.length_c   86.687
_cell.angle_alpha   90.00
_cell.angle_beta   90.00
_cell.angle_gamma   90.00
#
_symmetry.space_group_name_H-M   'P 43 21 2'
#
loop_
_entity.id
_entity.type
_entity.pdbx_description
1 polymer "5'-adenylylsulfate reductase 1, chloroplastic"
2 water water
#
_entity_poly.entity_id   1
_entity_poly.type   'polypeptide(L)'
_entity_poly.pdbx_seq_one_letter_code
;GSPEFMENLVTLSRQGIENLMKLENRKEPWIVVLYAPWCPFCQAMEASYDELADKLAGSGIKVAKFRADGDQKEFAKQEL
QLGSFPTILVFPKNSSRPIKYPSEKRDVESLTSFLLEHHHHHH
;
_entity_poly.pdbx_strand_id   A
#
# COMPACT_ATOMS: atom_id res chain seq x y z
N PRO A 3 14.16 15.72 0.12
CA PRO A 3 13.60 14.84 -0.91
C PRO A 3 13.00 13.58 -0.31
N GLU A 4 11.70 13.56 -0.07
CA GLU A 4 11.12 12.42 0.64
C GLU A 4 10.80 11.24 -0.30
N PHE A 5 10.76 10.06 0.30
CA PHE A 5 10.55 8.83 -0.43
C PHE A 5 9.07 8.63 -0.69
N MET A 6 8.72 8.38 -1.95
CA MET A 6 7.35 8.01 -2.33
C MET A 6 6.31 9.09 -2.02
N GLU A 7 6.59 10.32 -2.45
CA GLU A 7 5.87 11.51 -1.99
C GLU A 7 4.38 11.54 -2.28
N ASN A 8 3.93 10.87 -3.34
CA ASN A 8 2.53 10.97 -3.73
C ASN A 8 1.63 10.16 -2.81
N LEU A 9 2.22 9.22 -2.07
CA LEU A 9 1.47 8.40 -1.14
C LEU A 9 1.47 8.96 0.29
N VAL A 10 0.30 9.10 0.91
CA VAL A 10 0.24 9.55 2.30
C VAL A 10 0.77 8.45 3.22
N THR A 11 1.45 8.86 4.28
CA THR A 11 2.10 7.93 5.19
C THR A 11 1.22 7.59 6.38
N LEU A 12 0.89 6.31 6.52
CA LEU A 12 0.26 5.80 7.73
C LEU A 12 1.31 5.65 8.84
N SER A 13 0.91 5.95 10.05
CA SER A 13 1.70 5.62 11.25
C SER A 13 1.30 4.23 11.75
N ARG A 14 2.01 3.68 12.71
CA ARG A 14 1.57 2.42 13.30
C ARG A 14 0.16 2.57 13.90
N GLN A 15 -0.07 3.71 14.55
CA GLN A 15 -1.38 4.03 15.10
C GLN A 15 -2.45 4.13 14.01
N GLY A 16 -2.02 4.61 12.85
CA GLY A 16 -2.92 4.84 11.74
C GLY A 16 -3.36 3.56 11.07
N ILE A 17 -2.44 2.64 10.86
CA ILE A 17 -2.78 1.44 10.13
C ILE A 17 -3.44 0.44 11.06
N GLU A 18 -3.17 0.50 12.35
CA GLU A 18 -3.95 -0.38 13.22
C GLU A 18 -5.38 0.15 13.28
N ASN A 19 -5.57 1.45 13.02
CA ASN A 19 -6.90 2.02 12.83
C ASN A 19 -7.59 1.53 11.56
N LEU A 20 -6.86 1.55 10.45
CA LEU A 20 -7.38 1.10 9.17
C LEU A 20 -7.91 -0.33 9.21
N MET A 21 -7.25 -1.18 9.98
CA MET A 21 -7.60 -2.60 10.06
C MET A 21 -8.74 -2.88 11.01
N LYS A 22 -9.00 -1.96 11.92
CA LYS A 22 -10.04 -2.18 12.93
C LYS A 22 -11.31 -1.40 12.59
N LEU A 23 -11.17 -0.24 11.97
CA LEU A 23 -12.34 0.45 11.46
C LEU A 23 -12.95 -0.37 10.35
N GLU A 24 -14.24 -0.67 10.44
CA GLU A 24 -14.92 -1.06 9.24
C GLU A 24 -16.21 -0.27 9.10
N ASN A 25 -16.95 -0.59 8.03
CA ASN A 25 -17.83 0.34 7.33
C ASN A 25 -16.99 1.32 6.55
N ARG A 26 -15.75 0.93 6.25
CA ARG A 26 -14.92 1.69 5.31
C ARG A 26 -15.76 1.92 4.07
N LYS A 27 -15.95 3.17 3.69
CA LYS A 27 -16.75 3.46 2.51
C LYS A 27 -15.88 3.32 1.28
N GLU A 28 -14.57 3.27 1.52
CA GLU A 28 -13.56 3.35 0.47
C GLU A 28 -12.47 2.29 0.59
N PRO A 29 -12.04 1.73 -0.54
CA PRO A 29 -10.91 0.80 -0.49
C PRO A 29 -9.56 1.53 -0.31
N TRP A 30 -8.60 0.78 0.22
CA TRP A 30 -7.25 1.28 0.41
C TRP A 30 -6.28 0.39 -0.33
N ILE A 31 -5.19 0.97 -0.74
CA ILE A 31 -4.08 0.21 -1.24
C ILE A 31 -2.93 0.70 -0.43
N VAL A 32 -2.21 -0.20 0.20
CA VAL A 32 -1.12 0.23 1.06
C VAL A 32 0.18 -0.48 0.74
N VAL A 33 1.21 0.30 0.46
CA VAL A 33 2.53 -0.22 0.20
C VAL A 33 3.34 -0.34 1.48
N LEU A 34 3.64 -1.56 1.89
CA LEU A 34 4.59 -1.79 2.98
C LEU A 34 5.99 -1.65 2.41
N TYR A 35 6.75 -0.65 2.83
CA TYR A 35 8.04 -0.36 2.22
C TYR A 35 9.14 -0.20 3.24
N ALA A 36 10.36 -0.02 2.74
CA ALA A 36 11.49 0.37 3.56
C ALA A 36 12.50 1.09 2.68
N PRO A 37 12.89 2.30 3.08
CA PRO A 37 13.52 3.22 2.15
C PRO A 37 14.94 2.86 1.73
N TRP A 38 15.50 1.80 2.28
CA TRP A 38 16.85 1.35 1.90
C TRP A 38 16.82 0.22 0.87
N CYS A 39 15.65 -0.36 0.65
CA CYS A 39 15.50 -1.46 -0.29
C CYS A 39 15.60 -0.97 -1.74
N PRO A 40 16.53 -1.57 -2.51
CA PRO A 40 16.73 -1.21 -3.92
C PRO A 40 15.46 -1.34 -4.74
N PHE A 41 14.71 -2.42 -4.56
CA PHE A 41 13.51 -2.62 -5.37
C PHE A 41 12.42 -1.62 -4.98
N CYS A 42 12.38 -1.25 -3.72
CA CYS A 42 11.53 -0.15 -3.28
C CYS A 42 11.83 1.12 -4.04
N GLN A 43 13.10 1.42 -4.25
CA GLN A 43 13.44 2.63 -4.97
C GLN A 43 13.05 2.54 -6.44
N ALA A 44 13.23 1.35 -7.02
CA ALA A 44 12.97 1.15 -8.44
C ALA A 44 11.47 1.14 -8.73
N MET A 45 10.70 0.74 -7.74
CA MET A 45 9.25 0.70 -7.83
C MET A 45 8.62 2.03 -7.43
N GLU A 46 9.43 2.92 -6.87
CA GLU A 46 8.93 4.15 -6.28
C GLU A 46 8.11 4.96 -7.28
N ALA A 47 8.63 5.09 -8.49
CA ALA A 47 7.92 5.80 -9.52
C ALA A 47 6.69 5.02 -9.99
N SER A 48 6.72 3.70 -9.92
CA SER A 48 5.56 2.90 -10.29
C SER A 48 4.43 3.14 -9.30
N TYR A 49 4.77 3.25 -8.02
CA TYR A 49 3.79 3.56 -6.98
C TYR A 49 3.31 5.02 -7.05
N ASP A 50 4.22 5.95 -7.35
CA ASP A 50 3.83 7.34 -7.50
C ASP A 50 2.86 7.45 -8.67
N GLU A 51 3.10 6.68 -9.73
CA GLU A 51 2.21 6.70 -10.88
C GLU A 51 0.83 6.14 -10.49
N LEU A 52 0.83 5.02 -9.76
CA LEU A 52 -0.40 4.42 -9.27
C LEU A 52 -1.24 5.41 -8.49
N ALA A 53 -0.57 6.18 -7.63
CA ALA A 53 -1.25 7.13 -6.79
C ALA A 53 -1.88 8.29 -7.59
N ASP A 54 -1.13 8.88 -8.51
CA ASP A 54 -1.70 9.90 -9.40
C ASP A 54 -2.89 9.44 -10.21
N LYS A 55 -2.76 8.30 -10.88
CA LYS A 55 -3.87 7.85 -11.72
C LYS A 55 -5.06 7.33 -10.90
N LEU A 56 -4.91 7.21 -9.58
CA LEU A 56 -6.03 6.77 -8.75
C LEU A 56 -6.59 7.91 -7.90
N ALA A 57 -5.90 9.06 -7.94
CA ALA A 57 -6.35 10.22 -7.19
C ALA A 57 -7.75 10.59 -7.64
N GLY A 58 -8.62 10.88 -6.67
CA GLY A 58 -9.98 11.23 -7.00
C GLY A 58 -10.86 10.05 -7.38
N SER A 59 -10.31 8.84 -7.31
CA SER A 59 -11.05 7.61 -7.64
C SER A 59 -11.86 7.06 -6.48
N GLY A 60 -11.60 7.57 -5.28
CA GLY A 60 -12.22 7.03 -4.08
C GLY A 60 -11.30 6.06 -3.38
N ILE A 61 -10.34 5.53 -4.13
CA ILE A 61 -9.33 4.67 -3.53
C ILE A 61 -8.25 5.54 -2.88
N LYS A 62 -8.09 5.35 -1.57
CA LYS A 62 -7.00 5.96 -0.85
C LYS A 62 -5.75 5.13 -1.12
N VAL A 63 -4.64 5.80 -1.47
CA VAL A 63 -3.37 5.13 -1.70
C VAL A 63 -2.29 5.61 -0.72
N ALA A 64 -1.87 4.71 0.16
CA ALA A 64 -0.99 5.06 1.25
C ALA A 64 0.22 4.16 1.33
N LYS A 65 1.17 4.54 2.18
CA LYS A 65 2.35 3.71 2.45
C LYS A 65 2.64 3.62 3.96
N PHE A 66 3.24 2.52 4.39
CA PHE A 66 3.60 2.28 5.78
C PHE A 66 5.03 1.74 5.87
N ARG A 67 5.92 2.46 6.54
CA ARG A 67 7.31 2.04 6.69
C ARG A 67 7.37 0.86 7.64
N ALA A 68 7.70 -0.32 7.11
CA ALA A 68 7.50 -1.55 7.85
C ALA A 68 8.80 -2.23 8.28
N ASP A 69 9.91 -1.51 8.28
CA ASP A 69 11.16 -2.08 8.80
C ASP A 69 11.39 -1.64 10.25
N GLY A 70 12.54 -2.01 10.82
CA GLY A 70 12.89 -1.61 12.17
C GLY A 70 11.95 -2.17 13.21
N ASP A 71 11.41 -1.29 14.06
CA ASP A 71 10.51 -1.68 15.15
C ASP A 71 9.21 -2.27 14.65
N GLN A 72 8.79 -1.86 13.46
CA GLN A 72 7.51 -2.29 12.93
C GLN A 72 7.63 -3.67 12.25
N LYS A 73 8.86 -4.07 11.95
CA LYS A 73 9.10 -5.23 11.11
C LYS A 73 8.37 -6.48 11.60
N GLU A 74 8.42 -6.76 12.88
CA GLU A 74 7.75 -7.98 13.31
C GLU A 74 6.26 -7.75 13.38
N PHE A 75 5.82 -6.58 13.82
CA PHE A 75 4.41 -6.24 13.70
C PHE A 75 3.89 -6.45 12.28
N ALA A 76 4.59 -5.90 11.31
CA ALA A 76 4.21 -6.07 9.91
C ALA A 76 4.28 -7.54 9.46
N LYS A 77 5.25 -8.29 10.00
CA LYS A 77 5.39 -9.69 9.63
C LYS A 77 4.21 -10.55 10.11
N GLN A 78 3.75 -10.34 11.35
CA GLN A 78 2.63 -11.10 11.91
C GLN A 78 1.23 -10.66 11.42
N GLU A 79 0.96 -9.36 11.39
CA GLU A 79 -0.39 -8.87 11.07
C GLU A 79 -0.60 -8.32 9.65
N LEU A 80 0.46 -7.77 9.06
CA LEU A 80 0.33 -7.09 7.78
C LEU A 80 0.75 -7.92 6.55
N GLN A 81 0.88 -9.23 6.75
CA GLN A 81 1.27 -10.13 5.67
C GLN A 81 2.54 -9.69 4.93
N LEU A 82 3.35 -8.86 5.58
CA LEU A 82 4.65 -8.49 5.02
C LEU A 82 5.47 -9.73 4.73
N GLY A 83 5.61 -10.04 3.44
CA GLY A 83 6.61 -11.02 3.05
C GLY A 83 7.94 -10.32 3.10
N SER A 84 8.31 -9.70 1.98
CA SER A 84 9.51 -8.90 1.89
C SER A 84 9.15 -7.59 1.21
N PHE A 85 10.07 -6.62 1.25
CA PHE A 85 9.80 -5.28 0.75
C PHE A 85 10.01 -5.18 -0.76
N PRO A 86 9.11 -4.48 -1.46
CA PRO A 86 7.82 -4.02 -0.91
C PRO A 86 6.70 -5.06 -0.99
N THR A 87 5.69 -4.86 -0.14
CA THR A 87 4.47 -5.66 -0.17
C THR A 87 3.33 -4.69 -0.48
N ILE A 88 2.34 -5.14 -1.24
CA ILE A 88 1.19 -4.32 -1.50
C ILE A 88 -0.02 -4.95 -0.87
N LEU A 89 -0.63 -4.20 0.06
CA LEU A 89 -1.88 -4.62 0.68
C LEU A 89 -3.04 -3.89 0.05
N VAL A 90 -4.08 -4.64 -0.28
CA VAL A 90 -5.32 -4.08 -0.75
C VAL A 90 -6.43 -4.31 0.28
N PHE A 91 -7.07 -3.22 0.72
CA PHE A 91 -8.17 -3.30 1.69
C PHE A 91 -9.48 -2.97 1.01
N PRO A 92 -10.29 -3.98 0.66
CA PRO A 92 -11.60 -3.66 0.08
C PRO A 92 -12.58 -3.10 1.10
N LYS A 93 -13.70 -2.61 0.59
CA LYS A 93 -14.73 -2.02 1.41
C LYS A 93 -15.24 -3.05 2.42
N ASN A 94 -15.63 -4.20 1.91
CA ASN A 94 -16.16 -5.27 2.75
C ASN A 94 -15.36 -6.56 2.60
N SER A 95 -14.27 -6.65 3.34
CA SER A 95 -13.33 -7.74 3.17
C SER A 95 -12.87 -8.32 4.51
N SER A 96 -13.00 -9.63 4.65
CA SER A 96 -12.45 -10.38 5.78
C SER A 96 -11.05 -9.96 6.18
N ARG A 97 -10.20 -9.75 5.18
CA ARG A 97 -8.79 -9.48 5.43
C ARG A 97 -8.21 -8.68 4.28
N PRO A 98 -7.14 -7.92 4.53
CA PRO A 98 -6.38 -7.35 3.42
C PRO A 98 -5.78 -8.45 2.53
N ILE A 99 -5.87 -8.22 1.23
CA ILE A 99 -5.36 -9.13 0.22
C ILE A 99 -3.98 -8.71 -0.25
N LYS A 100 -2.97 -9.53 0.03
CA LYS A 100 -1.64 -9.29 -0.47
C LYS A 100 -1.64 -9.37 -1.99
N TYR A 101 -1.05 -8.37 -2.64
CA TYR A 101 -1.05 -8.30 -4.10
C TYR A 101 0.38 -8.23 -4.64
N PRO A 102 0.65 -8.98 -5.70
CA PRO A 102 1.99 -9.02 -6.31
C PRO A 102 2.54 -7.60 -6.57
N SER A 103 3.83 -7.41 -6.40
CA SER A 103 4.36 -6.07 -6.27
C SER A 103 5.37 -5.69 -7.37
N GLU A 104 5.37 -6.43 -8.49
CA GLU A 104 6.28 -6.18 -9.62
C GLU A 104 5.62 -5.17 -10.53
N LYS A 105 6.41 -4.56 -11.41
CA LYS A 105 5.96 -3.40 -12.19
C LYS A 105 4.72 -3.62 -13.05
N ARG A 106 4.67 -4.69 -13.84
CA ARG A 106 3.53 -4.89 -14.71
C ARG A 106 2.27 -5.20 -13.91
N ASP A 107 2.42 -5.75 -12.71
CA ASP A 107 1.25 -6.02 -11.86
C ASP A 107 0.64 -4.74 -11.34
N VAL A 108 1.49 -3.77 -11.02
CA VAL A 108 1.05 -2.44 -10.63
C VAL A 108 0.34 -1.76 -11.80
N GLU A 109 0.92 -1.84 -13.00
CA GLU A 109 0.26 -1.26 -14.17
C GLU A 109 -1.07 -1.96 -14.43
N SER A 110 -1.08 -3.29 -14.32
CA SER A 110 -2.33 -4.06 -14.35
C SER A 110 -3.34 -3.55 -13.30
N LEU A 111 -2.87 -3.33 -12.07
CA LEU A 111 -3.73 -2.87 -10.99
C LEU A 111 -4.38 -1.53 -11.33
N THR A 112 -3.54 -0.54 -11.67
CA THR A 112 -4.05 0.79 -12.00
C THR A 112 -5.15 0.78 -13.04
N SER A 113 -4.79 0.26 -14.22
CA SER A 113 -5.64 0.29 -15.40
C SER A 113 -6.94 -0.50 -15.19
N PHE A 114 -6.85 -1.58 -14.44
CA PHE A 114 -8.02 -2.38 -14.12
C PHE A 114 -9.00 -1.54 -13.33
N LEU A 115 -8.55 -1.00 -12.20
CA LEU A 115 -9.38 -0.18 -11.31
C LEU A 115 -9.99 0.99 -12.03
N LEU A 116 -9.34 1.48 -13.08
CA LEU A 116 -9.88 2.60 -13.83
C LEU A 116 -11.15 2.26 -14.63
N GLU A 117 -11.37 0.97 -14.90
CA GLU A 117 -12.65 0.54 -15.47
C GLU A 117 -13.54 -0.08 -14.42
N HIS A 118 -13.15 0.10 -13.16
CA HIS A 118 -14.09 0.05 -12.03
C HIS A 118 -14.57 -1.36 -11.70
#